data_3RF2
#
_entry.id   3RF2
#
_cell.length_a   96.235
_cell.length_b   96.235
_cell.length_c   37.614
_cell.angle_alpha   90.000
_cell.angle_beta   90.000
_cell.angle_gamma   90.000
#
_symmetry.space_group_name_H-M   'P 41 21 2'
#
loop_
_entity.id
_entity.type
_entity.pdbx_description
1 polymer '30S ribosomal protein S8'
2 non-polymer 'SULFATE ION'
3 water water
#
_entity_poly.entity_id   1
_entity_poly.type   'polypeptide(L)'
_entity_poly.pdbx_seq_one_letter_code
;MSAVDPIADMFSAIKNAIMRRDDFLYVPSSKLKERILDVLKKEGFIQDWEALKGEKYEEEYKKMKELAEKSPNPKMKRYL
KQLEEYNKGTQYPIKIYLKYLDPKKRKSAITNIVKVSKGGRRVYAGVRTMPYVKRGLGIAIVSTDAGVMTDHEARRMRKG
GEVIAFVW
;
_entity_poly.pdbx_strand_id   A
#
# COMPACT_ATOMS: atom_id res chain seq x y z
N VAL A 4 10.00 -11.54 -9.09
CA VAL A 4 8.64 -11.45 -8.55
C VAL A 4 8.64 -10.94 -7.11
N ASP A 5 8.52 -9.62 -6.97
CA ASP A 5 8.51 -8.98 -5.65
C ASP A 5 7.13 -8.34 -5.45
N PRO A 6 6.25 -8.99 -4.66
CA PRO A 6 4.88 -8.51 -4.46
C PRO A 6 4.79 -7.12 -3.83
N ILE A 7 5.56 -6.91 -2.77
CA ILE A 7 5.56 -5.61 -2.10
C ILE A 7 5.96 -4.51 -3.09
N ALA A 8 6.93 -4.79 -3.94
CA ALA A 8 7.34 -3.83 -4.95
C ALA A 8 6.24 -3.59 -5.99
N ASP A 9 5.50 -4.64 -6.34
CA ASP A 9 4.47 -4.51 -7.36
C ASP A 9 3.25 -3.71 -6.85
N MET A 10 3.01 -3.78 -5.55
CA MET A 10 2.02 -2.94 -4.88
C MET A 10 2.39 -1.46 -4.95
N PHE A 11 3.68 -1.15 -4.79
CA PHE A 11 4.11 0.25 -4.78
C PHE A 11 3.81 0.84 -6.13
N SER A 12 4.12 0.07 -7.18
CA SER A 12 3.86 0.45 -8.57
C SER A 12 2.39 0.76 -8.84
N ALA A 13 1.53 -0.22 -8.56
CA ALA A 13 0.08 -0.02 -8.66
C ALA A 13 -0.37 1.27 -7.96
N ILE A 14 0.09 1.43 -6.72
CA ILE A 14 -0.33 2.58 -5.93
C ILE A 14 0.05 3.84 -6.70
N LYS A 15 1.30 3.91 -7.15
CA LYS A 15 1.80 5.09 -7.84
C LYS A 15 1.00 5.38 -9.11
N ASN A 16 0.68 4.35 -9.88
CA ASN A 16 -0.03 4.56 -11.13
C ASN A 16 -1.45 5.07 -10.91
N ALA A 17 -2.12 4.48 -9.92
CA ALA A 17 -3.46 4.90 -9.57
C ALA A 17 -3.44 6.36 -9.16
N ILE A 18 -2.43 6.73 -8.38
CA ILE A 18 -2.26 8.13 -8.01
C ILE A 18 -2.10 9.02 -9.24
N MET A 19 -1.30 8.59 -10.19
CA MET A 19 -1.06 9.41 -11.35
C MET A 19 -2.29 9.48 -12.26
N ARG A 20 -3.18 8.50 -12.10
CA ARG A 20 -4.46 8.52 -12.77
C ARG A 20 -5.49 9.38 -12.02
N ARG A 21 -5.12 9.86 -10.83
CA ARG A 21 -6.04 10.62 -9.98
C ARG A 21 -7.22 9.78 -9.53
N ASP A 22 -6.96 8.50 -9.29
CA ASP A 22 -8.00 7.59 -8.84
C ASP A 22 -8.26 7.67 -7.33
N ASP A 23 -9.48 7.35 -6.95
CA ASP A 23 -9.91 7.34 -5.57
C ASP A 23 -9.40 6.12 -4.82
N PHE A 24 -9.27 5.01 -5.54
CA PHE A 24 -8.85 3.76 -4.91
C PHE A 24 -8.23 2.78 -5.89
N LEU A 25 -7.85 1.68 -5.42
CA LEU A 25 -7.31 0.60 -6.23
C LEU A 25 -7.28 -0.66 -5.39
N TYR A 26 -7.22 -1.86 -5.95
CA TYR A 26 -7.17 -3.12 -5.23
C TYR A 26 -5.81 -3.77 -5.37
N VAL A 27 -5.39 -4.49 -4.33
CA VAL A 27 -4.17 -5.30 -4.42
C VAL A 27 -4.36 -6.67 -3.77
N PRO A 28 -3.57 -7.67 -4.21
CA PRO A 28 -3.65 -8.99 -3.58
C PRO A 28 -3.30 -8.98 -2.09
N SER A 29 -3.99 -9.80 -1.31
CA SER A 29 -3.75 -9.88 0.13
C SER A 29 -2.32 -10.30 0.42
N SER A 30 -1.85 -9.98 1.62
CA SER A 30 -0.55 -10.37 2.14
C SER A 30 -0.52 -9.83 3.56
N LYS A 31 0.08 -10.53 4.51
CA LYS A 31 0.08 -10.02 5.88
C LYS A 31 1.12 -8.92 6.07
N LEU A 32 2.22 -9.05 5.35
CA LEU A 32 3.24 -8.02 5.29
C LEU A 32 2.67 -6.74 4.66
N LYS A 33 2.02 -6.88 3.52
CA LYS A 33 1.38 -5.76 2.84
C LYS A 33 0.40 -5.03 3.76
N GLU A 34 -0.37 -5.79 4.52
CA GLU A 34 -1.28 -5.24 5.49
C GLU A 34 -0.58 -4.43 6.57
N ARG A 35 0.53 -4.93 7.10
CA ARG A 35 1.25 -4.17 8.13
C ARG A 35 1.82 -2.92 7.52
N ILE A 36 2.19 -2.99 6.25
CA ILE A 36 2.75 -1.85 5.55
C ILE A 36 1.69 -0.76 5.32
N LEU A 37 0.53 -1.18 4.83
CA LEU A 37 -0.59 -0.29 4.62
C LEU A 37 -1.03 0.34 5.91
N ASP A 38 -0.86 -0.37 7.01
CA ASP A 38 -1.24 0.17 8.31
C ASP A 38 -0.30 1.26 8.75
N VAL A 39 0.98 1.11 8.41
CA VAL A 39 1.93 2.22 8.60
C VAL A 39 1.52 3.41 7.73
N LEU A 40 1.23 3.15 6.47
CA LEU A 40 0.91 4.22 5.53
C LEU A 40 -0.33 5.01 5.97
N LYS A 41 -1.34 4.30 6.49
CA LYS A 41 -2.55 4.92 7.00
C LYS A 41 -2.28 5.74 8.26
N LYS A 42 -1.53 5.14 9.18
CA LYS A 42 -1.15 5.79 10.42
C LYS A 42 -0.36 7.08 10.15
N GLU A 43 0.47 7.09 9.11
CA GLU A 43 1.29 8.27 8.83
C GLU A 43 0.59 9.30 7.95
N GLY A 44 -0.58 8.96 7.43
CA GLY A 44 -1.35 9.88 6.63
C GLY A 44 -1.02 9.87 5.15
N PHE A 45 -0.36 8.80 4.70
CA PHE A 45 0.03 8.69 3.30
C PHE A 45 -1.09 8.11 2.44
N ILE A 46 -1.97 7.32 3.06
CA ILE A 46 -3.20 6.86 2.41
C ILE A 46 -4.37 7.22 3.32
N GLN A 47 -5.58 7.18 2.76
CA GLN A 47 -6.77 7.50 3.53
C GLN A 47 -7.23 6.31 4.39
N ASP A 48 -7.19 5.12 3.82
CA ASP A 48 -7.65 3.93 4.51
C ASP A 48 -7.42 2.74 3.61
N TRP A 49 -7.64 1.55 4.13
CA TRP A 49 -7.59 0.34 3.33
C TRP A 49 -8.53 -0.68 3.97
N GLU A 50 -9.17 -1.49 3.15
CA GLU A 50 -10.11 -2.50 3.64
C GLU A 50 -9.73 -3.92 3.20
N ALA A 51 -9.78 -4.89 4.11
CA ALA A 51 -9.73 -6.29 3.70
C ALA A 51 -11.09 -6.73 3.15
N LEU A 52 -11.12 -7.11 1.87
CA LEU A 52 -12.36 -7.51 1.24
C LEU A 52 -12.61 -9.01 1.42
N LYS A 53 -13.04 -9.40 2.61
CA LYS A 53 -13.39 -10.77 2.95
C LYS A 53 -14.88 -10.90 3.24
N GLY A 54 -15.28 -12.08 3.71
CA GLY A 54 -16.65 -12.34 4.12
C GLY A 54 -17.73 -11.59 3.35
N GLU A 55 -18.67 -10.99 4.10
CA GLU A 55 -19.78 -10.24 3.52
C GLU A 55 -19.29 -9.02 2.76
N LYS A 56 -18.15 -8.47 3.19
CA LYS A 56 -17.58 -7.28 2.56
C LYS A 56 -17.14 -7.52 1.12
N TYR A 57 -16.58 -8.68 0.84
CA TYR A 57 -16.18 -8.99 -0.52
C TYR A 57 -17.38 -9.04 -1.46
N GLU A 58 -18.43 -9.73 -1.02
CA GLU A 58 -19.69 -9.83 -1.78
C GLU A 58 -20.21 -8.46 -2.18
N GLU A 59 -20.46 -7.63 -1.17
CA GLU A 59 -20.90 -6.26 -1.38
C GLU A 59 -20.16 -5.65 -2.57
N GLU A 60 -18.82 -5.64 -2.46
CA GLU A 60 -17.95 -4.98 -3.42
C GLU A 60 -18.12 -5.47 -4.84
N TYR A 61 -18.04 -6.78 -5.01
CA TYR A 61 -18.20 -7.39 -6.31
C TYR A 61 -19.53 -6.96 -6.98
N LYS A 62 -20.62 -7.01 -6.23
CA LYS A 62 -21.91 -6.57 -6.76
C LYS A 62 -21.84 -5.13 -7.30
N LYS A 63 -21.34 -4.23 -6.46
CA LYS A 63 -21.24 -2.82 -6.81
C LYS A 63 -20.51 -2.60 -8.12
N MET A 64 -19.22 -2.94 -8.16
CA MET A 64 -18.42 -2.78 -9.38
C MET A 64 -19.07 -3.50 -10.54
N LYS A 65 -19.67 -4.64 -10.24
CA LYS A 65 -20.44 -5.39 -11.25
C LYS A 65 -21.53 -4.47 -11.81
N GLU A 66 -22.33 -3.90 -10.92
CA GLU A 66 -23.39 -3.00 -11.33
C GLU A 66 -22.82 -1.90 -12.22
N LEU A 67 -21.82 -1.21 -11.68
CA LEU A 67 -21.19 -0.09 -12.37
C LEU A 67 -20.54 -0.50 -13.69
N ALA A 68 -19.87 -1.64 -13.69
CA ALA A 68 -19.32 -2.16 -14.93
C ALA A 68 -20.41 -2.27 -16.00
N GLU A 69 -21.66 -2.40 -15.55
CA GLU A 69 -22.75 -2.75 -16.46
C GLU A 69 -23.50 -1.57 -17.09
N LYS A 70 -23.40 -0.38 -16.49
CA LYS A 70 -24.05 0.79 -17.06
C LYS A 70 -23.04 1.76 -17.64
N SER A 71 -23.30 2.30 -18.82
CA SER A 71 -22.34 3.19 -19.45
C SER A 71 -20.95 2.56 -19.35
N PRO A 72 -20.80 1.41 -20.00
CA PRO A 72 -19.56 0.62 -19.91
C PRO A 72 -18.32 1.34 -20.44
N ASN A 73 -17.71 2.17 -19.62
CA ASN A 73 -16.45 2.80 -19.99
C ASN A 73 -15.29 1.87 -19.65
N PRO A 74 -14.23 1.89 -20.47
CA PRO A 74 -13.08 1.02 -20.23
C PRO A 74 -12.47 1.27 -18.85
N LYS A 75 -11.69 0.31 -18.36
CA LYS A 75 -11.04 0.41 -17.05
C LYS A 75 -12.04 0.32 -15.90
N MET A 76 -13.10 -0.45 -16.11
CA MET A 76 -14.08 -0.72 -15.05
C MET A 76 -14.34 -2.20 -14.86
N LYS A 77 -14.32 -2.96 -15.96
CA LYS A 77 -14.42 -4.41 -15.91
C LYS A 77 -13.17 -4.98 -15.22
N ARG A 78 -12.07 -4.24 -15.36
CA ARG A 78 -10.79 -4.65 -14.78
C ARG A 78 -10.92 -4.93 -13.29
N TYR A 79 -11.67 -4.08 -12.59
CA TYR A 79 -11.85 -4.22 -11.16
C TYR A 79 -12.50 -5.55 -10.82
N LEU A 80 -13.57 -5.88 -11.53
CA LEU A 80 -14.11 -7.24 -11.48
C LEU A 80 -13.00 -8.24 -11.67
N LYS A 81 -12.38 -8.22 -12.85
CA LYS A 81 -11.24 -9.08 -13.12
C LYS A 81 -10.35 -9.14 -11.89
N GLN A 82 -9.76 -8.01 -11.52
CA GLN A 82 -8.86 -7.92 -10.38
C GLN A 82 -9.48 -8.51 -9.11
N LEU A 83 -10.77 -8.24 -8.92
CA LEU A 83 -11.45 -8.63 -7.68
C LEU A 83 -11.55 -10.15 -7.55
N GLU A 84 -11.30 -10.88 -8.63
CA GLU A 84 -11.40 -12.33 -8.61
C GLU A 84 -10.04 -12.98 -8.29
N GLU A 85 -9.03 -12.65 -9.09
CA GLU A 85 -7.73 -13.30 -8.92
C GLU A 85 -7.11 -13.02 -7.56
N TYR A 86 -7.62 -11.98 -6.87
CA TYR A 86 -7.03 -11.61 -5.59
C TYR A 86 -7.66 -12.39 -4.40
N ASN A 87 -8.68 -13.20 -4.71
CA ASN A 87 -9.38 -13.93 -3.67
C ASN A 87 -9.33 -15.43 -3.91
N LYS A 88 -8.35 -15.84 -4.70
CA LYS A 88 -8.07 -17.25 -4.95
C LYS A 88 -7.35 -17.82 -3.74
N GLY A 89 -7.78 -18.98 -3.29
CA GLY A 89 -7.13 -19.63 -2.16
C GLY A 89 -7.47 -19.06 -0.79
N THR A 90 -6.48 -19.09 0.10
CA THR A 90 -6.63 -18.51 1.42
C THR A 90 -6.44 -17.00 1.38
N GLN A 91 -6.53 -16.43 0.18
CA GLN A 91 -6.17 -15.02 -0.01
C GLN A 91 -7.34 -14.14 -0.44
N TYR A 92 -7.29 -12.86 -0.05
CA TYR A 92 -8.39 -11.91 -0.26
C TYR A 92 -7.90 -10.58 -0.79
N PRO A 93 -8.78 -9.83 -1.49
CA PRO A 93 -8.37 -8.55 -2.07
C PRO A 93 -8.35 -7.42 -1.03
N ILE A 94 -7.36 -6.55 -1.15
CA ILE A 94 -7.35 -5.35 -0.34
C ILE A 94 -7.75 -4.15 -1.18
N LYS A 95 -8.66 -3.35 -0.63
CA LYS A 95 -9.09 -2.13 -1.25
C LYS A 95 -8.29 -1.03 -0.57
N ILE A 96 -7.56 -0.26 -1.35
CA ILE A 96 -6.81 0.86 -0.79
C ILE A 96 -7.43 2.19 -1.19
N TYR A 97 -7.73 3.03 -0.19
CA TYR A 97 -8.28 4.35 -0.45
C TYR A 97 -7.18 5.40 -0.45
N LEU A 98 -7.03 6.11 -1.56
CA LEU A 98 -5.90 7.04 -1.71
C LEU A 98 -6.23 8.40 -1.13
N LYS A 99 -5.18 9.08 -0.68
CA LYS A 99 -5.34 10.38 -0.05
C LYS A 99 -4.72 11.45 -0.93
N TYR A 100 -5.54 12.42 -1.35
CA TYR A 100 -5.07 13.66 -1.95
C TYR A 100 -5.38 14.83 -1.02
N LEU A 101 -4.61 15.91 -1.13
CA LEU A 101 -4.83 17.08 -0.29
C LEU A 101 -5.93 18.00 -0.80
N ASP A 102 -6.06 18.11 -2.12
CA ASP A 102 -7.00 19.06 -2.69
C ASP A 102 -8.19 18.34 -3.30
N PRO A 103 -9.35 19.01 -3.39
CA PRO A 103 -10.56 18.44 -4.00
C PRO A 103 -10.33 17.88 -5.41
N LYS A 104 -9.51 18.54 -6.21
CA LYS A 104 -9.28 18.08 -7.59
C LYS A 104 -8.26 16.94 -7.68
N LYS A 105 -7.68 16.54 -6.55
CA LYS A 105 -6.78 15.39 -6.56
C LYS A 105 -5.50 15.61 -7.35
N ARG A 106 -5.04 16.86 -7.45
CA ARG A 106 -3.81 17.16 -8.14
C ARG A 106 -2.59 17.08 -7.21
N LYS A 107 -2.84 17.09 -5.91
CA LYS A 107 -1.78 16.99 -4.91
C LYS A 107 -1.94 15.70 -4.07
N SER A 108 -1.17 14.67 -4.43
CA SER A 108 -1.15 13.40 -3.71
C SER A 108 -0.44 13.51 -2.35
N ALA A 109 -0.92 12.80 -1.36
CA ALA A 109 -0.21 12.72 -0.09
C ALA A 109 1.13 12.00 -0.29
N ILE A 110 1.19 11.11 -1.27
CA ILE A 110 2.43 10.40 -1.55
C ILE A 110 3.16 11.03 -2.72
N THR A 111 4.34 11.58 -2.45
CA THR A 111 5.15 12.10 -3.53
C THR A 111 5.86 10.94 -4.22
N ASN A 112 6.37 10.00 -3.43
CA ASN A 112 7.00 8.82 -3.98
C ASN A 112 7.09 7.72 -2.95
N ILE A 113 7.22 6.50 -3.45
CA ILE A 113 7.34 5.36 -2.57
C ILE A 113 8.17 4.33 -3.30
N VAL A 114 9.27 3.92 -2.69
CA VAL A 114 10.27 3.12 -3.38
C VAL A 114 10.77 1.98 -2.49
N LYS A 115 10.87 0.80 -3.09
CA LYS A 115 11.36 -0.38 -2.40
C LYS A 115 12.86 -0.21 -2.15
N VAL A 116 13.30 -0.59 -0.95
CA VAL A 116 14.71 -0.55 -0.62
C VAL A 116 15.28 -1.96 -0.67
N SER A 117 15.06 -2.73 0.39
CA SER A 117 15.51 -4.11 0.43
C SER A 117 14.87 -4.91 -0.70
N LYS A 118 15.69 -5.67 -1.43
CA LYS A 118 15.20 -6.52 -2.50
C LYS A 118 15.92 -7.86 -2.48
N GLY A 119 15.63 -8.69 -3.48
CA GLY A 119 16.25 -10.00 -3.59
C GLY A 119 17.74 -9.88 -3.87
N GLY A 120 18.54 -10.62 -3.10
CA GLY A 120 19.98 -10.55 -3.21
C GLY A 120 20.53 -9.28 -2.59
N ARG A 121 19.95 -8.15 -2.99
CA ARG A 121 20.38 -6.85 -2.48
C ARG A 121 19.59 -6.45 -1.24
N ARG A 122 19.71 -7.26 -0.19
CA ARG A 122 19.00 -6.99 1.06
C ARG A 122 19.55 -5.74 1.73
N VAL A 123 18.67 -5.03 2.43
CA VAL A 123 19.07 -3.85 3.18
C VAL A 123 18.55 -3.91 4.61
N TYR A 124 19.44 -4.22 5.54
CA TYR A 124 19.09 -4.23 6.95
C TYR A 124 19.76 -3.03 7.60
N ALA A 125 19.09 -2.43 8.58
CA ALA A 125 19.66 -1.31 9.33
C ALA A 125 19.78 -1.72 10.78
N GLY A 126 20.87 -1.35 11.43
CA GLY A 126 21.05 -1.67 12.83
C GLY A 126 20.47 -0.59 13.73
N VAL A 127 20.47 -0.85 15.01
CA VAL A 127 20.00 0.14 15.98
C VAL A 127 20.65 1.50 15.74
N ARG A 128 21.96 1.50 15.51
CA ARG A 128 22.72 2.75 15.43
C ARG A 128 22.70 3.33 14.02
N THR A 129 22.32 2.53 13.04
CA THR A 129 22.35 2.97 11.65
C THR A 129 20.97 3.00 11.00
N MET A 130 19.97 3.46 11.73
CA MET A 130 18.63 3.54 11.21
C MET A 130 18.49 4.84 10.41
N PRO A 131 18.24 4.72 9.10
CA PRO A 131 18.30 5.86 8.18
C PRO A 131 17.11 6.81 8.34
N TYR A 132 17.35 8.08 8.04
CA TYR A 132 16.29 9.07 7.91
C TYR A 132 15.99 9.21 6.43
N VAL A 133 14.76 9.63 6.13
CA VAL A 133 14.32 9.85 4.76
C VAL A 133 13.94 11.32 4.56
N LYS A 134 14.44 11.96 3.51
CA LYS A 134 14.20 13.39 3.25
C LYS A 134 14.35 14.26 4.50
N ARG A 135 15.51 14.16 5.16
CA ARG A 135 15.80 14.95 6.35
C ARG A 135 14.86 14.66 7.52
N GLY A 136 14.19 13.52 7.48
CA GLY A 136 13.26 13.14 8.54
C GLY A 136 11.84 13.60 8.29
N LEU A 137 11.59 14.19 7.13
CA LEU A 137 10.25 14.56 6.71
C LEU A 137 9.51 13.45 5.99
N GLY A 138 10.27 12.47 5.48
CA GLY A 138 9.71 11.27 4.91
C GLY A 138 9.86 10.13 5.92
N ILE A 139 9.55 8.91 5.49
CA ILE A 139 9.73 7.77 6.38
C ILE A 139 10.39 6.61 5.69
N ALA A 140 11.08 5.80 6.48
CA ALA A 140 11.47 4.47 6.06
C ALA A 140 10.48 3.55 6.73
N ILE A 141 10.02 2.54 6.01
CA ILE A 141 9.24 1.49 6.64
C ILE A 141 10.17 0.30 6.87
N VAL A 142 10.23 -0.15 8.12
CA VAL A 142 11.21 -1.15 8.53
C VAL A 142 10.59 -2.35 9.22
N SER A 143 10.98 -3.54 8.79
CA SER A 143 10.51 -4.77 9.42
C SER A 143 11.41 -5.14 10.59
N THR A 144 10.90 -4.98 11.80
CA THR A 144 11.68 -5.24 13.01
C THR A 144 11.22 -6.54 13.66
N ASP A 145 11.89 -6.94 14.72
CA ASP A 145 11.45 -8.14 15.42
C ASP A 145 10.27 -7.79 16.34
N ALA A 146 9.79 -6.56 16.23
CA ALA A 146 8.65 -6.10 17.00
C ALA A 146 7.51 -5.63 16.09
N GLY A 147 7.58 -6.00 14.82
CA GLY A 147 6.59 -5.58 13.85
C GLY A 147 7.10 -4.53 12.87
N VAL A 148 6.22 -4.16 11.93
CA VAL A 148 6.54 -3.28 10.82
C VAL A 148 6.18 -1.88 11.25
N MET A 149 7.11 -0.94 11.14
CA MET A 149 6.92 0.40 11.72
C MET A 149 7.81 1.44 11.04
N THR A 150 7.71 2.69 11.47
CA THR A 150 8.52 3.73 10.87
C THR A 150 9.92 3.73 11.43
N ASP A 151 10.81 4.46 10.78
CA ASP A 151 12.15 4.62 11.28
C ASP A 151 12.06 5.34 12.62
N HIS A 152 11.23 6.36 12.69
CA HIS A 152 11.05 7.09 13.94
C HIS A 152 10.71 6.14 15.09
N GLU A 153 9.80 5.21 14.85
CA GLU A 153 9.41 4.30 15.92
C GLU A 153 10.50 3.28 16.22
N ALA A 154 11.13 2.76 15.18
CA ALA A 154 12.23 1.83 15.38
C ALA A 154 13.30 2.46 16.27
N ARG A 155 13.64 3.72 15.99
CA ARG A 155 14.62 4.43 16.81
C ARG A 155 14.13 4.55 18.26
N ARG A 156 12.89 5.00 18.42
CA ARG A 156 12.33 5.17 19.76
C ARG A 156 12.40 3.87 20.52
N MET A 157 12.13 2.77 19.82
CA MET A 157 12.13 1.45 20.43
C MET A 157 13.53 0.83 20.48
N ARG A 158 14.54 1.61 20.09
CA ARG A 158 15.91 1.13 20.07
C ARG A 158 15.99 -0.21 19.34
N LYS A 159 15.50 -0.23 18.11
CA LYS A 159 15.53 -1.46 17.33
C LYS A 159 16.08 -1.28 15.92
N GLY A 160 16.54 -2.38 15.34
CA GLY A 160 16.95 -2.43 13.95
C GLY A 160 15.97 -3.26 13.16
N GLY A 161 16.29 -3.50 11.88
CA GLY A 161 15.39 -4.26 11.05
C GLY A 161 15.65 -4.11 9.57
N GLU A 162 14.86 -4.82 8.77
CA GLU A 162 14.98 -4.75 7.34
C GLU A 162 14.29 -3.50 6.81
N VAL A 163 14.97 -2.77 5.94
CA VAL A 163 14.40 -1.55 5.39
C VAL A 163 13.61 -1.88 4.15
N ILE A 164 12.30 -1.92 4.30
CA ILE A 164 11.43 -2.28 3.20
C ILE A 164 11.26 -1.17 2.18
N ALA A 165 11.18 0.08 2.63
CA ALA A 165 10.82 1.16 1.72
C ALA A 165 11.11 2.56 2.25
N PHE A 166 11.28 3.50 1.33
CA PHE A 166 11.28 4.93 1.64
C PHE A 166 9.99 5.54 1.11
N VAL A 167 9.36 6.40 1.90
CA VAL A 167 8.14 7.05 1.46
C VAL A 167 8.24 8.51 1.81
N TRP A 168 7.80 9.39 0.91
CA TRP A 168 7.77 10.82 1.23
C TRP A 168 6.75 11.60 0.40
#